data_3BY7
#
_entry.id   3BY7
#
_cell.length_a   108.250
_cell.length_b   77.180
_cell.length_c   71.470
_cell.angle_alpha   90.000
_cell.angle_beta   113.820
_cell.angle_gamma   90.000
#
_symmetry.space_group_name_H-M   'C 1 2 1'
#
loop_
_entity.id
_entity.type
_entity.pdbx_description
1 polymer 'uncharacterized protein'
2 water water
#
_entity_poly.entity_id   1
_entity_poly.type   'polypeptide(L)'
_entity_poly.pdbx_seq_one_letter_code
;G(MSE)KNIKI(MSE)RLVTGEDIIGNISESQGLITIKKAFVIIP(MSE)QATPGKPVQLVLSPWQPYTDDKEIVIDDSK
VITITSPKDDIIKSYESHTSEIITPSGLITET
;
_entity_poly.pdbx_strand_id   A,B,C,D,E
#
# COMPACT_ATOMS: atom_id res chain seq x y z
N LYS A 3 -12.85 23.99 -17.17
CA LYS A 3 -12.25 23.84 -15.80
C LYS A 3 -13.10 22.88 -14.96
N ASN A 4 -12.47 21.89 -14.34
CA ASN A 4 -13.18 20.82 -13.61
C ASN A 4 -12.47 20.46 -12.30
N ILE A 5 -12.84 21.12 -11.21
CA ILE A 5 -12.20 20.94 -9.91
C ILE A 5 -12.83 19.76 -9.19
N LYS A 6 -12.01 18.77 -8.83
CA LYS A 6 -12.48 17.56 -8.15
C LYS A 6 -11.48 17.19 -7.06
N ILE A 7 -11.92 16.31 -6.16
CA ILE A 7 -11.05 15.78 -5.10
C ILE A 7 -10.81 14.31 -5.31
N ARG A 9 -9.09 10.88 -3.82
CA ARG A 9 -8.41 10.14 -2.77
C ARG A 9 -7.42 9.22 -3.45
N LEU A 10 -6.15 9.41 -3.17
CA LEU A 10 -5.15 8.52 -3.75
C LEU A 10 -5.03 7.23 -2.96
N VAL A 11 -4.39 6.26 -3.59
CA VAL A 11 -4.22 4.93 -3.02
C VAL A 11 -3.20 5.00 -1.87
N THR A 12 -2.37 6.03 -1.90
CA THR A 12 -1.44 6.35 -0.82
C THR A 12 -2.11 7.04 0.39
N GLY A 13 -3.42 7.26 0.36
CA GLY A 13 -4.15 7.82 1.50
C GLY A 13 -4.54 9.29 1.41
N GLU A 14 -3.80 10.05 0.61
CA GLU A 14 -3.94 11.49 0.55
C GLU A 14 -5.21 11.91 -0.17
N ASP A 15 -5.66 13.14 0.10
CA ASP A 15 -6.74 13.77 -0.65
C ASP A 15 -6.16 14.93 -1.42
N ILE A 16 -6.32 14.89 -2.74
CA ILE A 16 -5.79 15.91 -3.65
C ILE A 16 -6.95 16.72 -4.27
N ILE A 17 -6.74 18.01 -4.48
CA ILE A 17 -7.74 18.83 -5.17
C ILE A 17 -7.08 19.57 -6.33
N GLY A 18 -7.73 19.52 -7.49
CA GLY A 18 -7.16 20.12 -8.68
C GLY A 18 -8.08 20.11 -9.87
N ASN A 19 -7.62 20.78 -10.94
CA ASN A 19 -8.30 20.79 -12.23
C ASN A 19 -7.98 19.51 -13.01
N ILE A 20 -9.00 18.66 -13.15
CA ILE A 20 -8.84 17.28 -13.61
C ILE A 20 -9.38 17.14 -15.02
N SER A 21 -8.64 16.43 -15.86
CA SER A 21 -9.18 15.95 -17.15
C SER A 21 -8.76 14.50 -17.36
N GLU A 22 -9.71 13.67 -17.79
CA GLU A 22 -9.51 12.22 -17.93
C GLU A 22 -9.45 11.80 -19.40
N SER A 23 -8.25 11.78 -19.97
CA SER A 23 -8.02 11.28 -21.34
C SER A 23 -7.30 9.93 -21.29
N GLN A 24 -7.60 9.04 -22.22
CA GLN A 24 -7.06 7.67 -22.17
C GLN A 24 -7.49 7.07 -20.82
N GLY A 25 -6.65 6.22 -20.22
CA GLY A 25 -6.86 5.78 -18.83
C GLY A 25 -6.00 6.57 -17.85
N LEU A 26 -5.77 7.85 -18.15
CA LEU A 26 -4.91 8.72 -17.37
C LEU A 26 -5.63 9.99 -16.94
N ILE A 27 -5.28 10.47 -15.77
CA ILE A 27 -5.84 11.68 -15.23
C ILE A 27 -4.75 12.71 -15.25
N THR A 28 -5.01 13.86 -15.88
CA THR A 28 -4.07 14.98 -15.85
C THR A 28 -4.57 16.02 -14.86
N ILE A 29 -3.70 16.41 -13.94
CA ILE A 29 -4.04 17.38 -12.89
C ILE A 29 -3.26 18.69 -13.06
N LYS A 30 -3.99 19.80 -13.06
CA LYS A 30 -3.38 21.13 -13.04
C LYS A 30 -3.66 21.80 -11.69
N LYS A 31 -2.67 22.53 -11.17
CA LYS A 31 -2.77 23.24 -9.89
C LYS A 31 -3.26 22.31 -8.75
N ALA A 32 -2.46 21.27 -8.46
CA ALA A 32 -2.84 20.23 -7.49
C ALA A 32 -2.44 20.55 -6.05
N PHE A 33 -3.39 20.46 -5.12
CA PHE A 33 -3.09 20.69 -3.70
C PHE A 33 -3.55 19.53 -2.82
N VAL A 34 -2.74 19.21 -1.81
CA VAL A 34 -3.13 18.21 -0.80
C VAL A 34 -3.96 18.89 0.27
N ILE A 35 -5.05 18.26 0.68
CA ILE A 35 -5.90 18.74 1.76
C ILE A 35 -5.44 18.13 3.08
N ILE A 36 -4.72 18.91 3.89
CA ILE A 36 -4.29 18.48 5.22
C ILE A 36 -5.24 19.06 6.30
N PRO A 37 -5.98 18.18 7.00
CA PRO A 37 -6.82 18.65 8.11
C PRO A 37 -6.04 18.70 9.41
N GLN A 39 -6.61 19.64 14.07
CA GLN A 39 -7.52 19.96 15.18
C GLN A 39 -6.78 20.71 16.29
N PRO A 45 -14.19 22.23 15.58
CA PRO A 45 -14.34 22.76 14.22
C PRO A 45 -13.05 22.59 13.40
N VAL A 46 -13.01 21.59 12.51
CA VAL A 46 -11.77 21.18 11.83
C VAL A 46 -11.32 22.13 10.71
N GLN A 47 -10.04 22.49 10.76
CA GLN A 47 -9.47 23.42 9.79
C GLN A 47 -8.73 22.63 8.72
N LEU A 48 -9.09 22.91 7.47
CA LEU A 48 -8.44 22.29 6.32
C LEU A 48 -7.37 23.22 5.77
N VAL A 49 -6.21 22.67 5.44
CA VAL A 49 -5.15 23.45 4.81
C VAL A 49 -4.78 22.84 3.46
N LEU A 50 -4.73 23.68 2.44
CA LEU A 50 -4.30 23.27 1.11
C LEU A 50 -2.81 23.60 0.98
N SER A 51 -2.02 22.59 0.63
CA SER A 51 -0.62 22.77 0.33
C SER A 51 -0.29 22.10 -1.00
N PRO A 52 0.65 22.69 -1.78
CA PRO A 52 1.00 22.12 -3.08
C PRO A 52 1.39 20.65 -3.00
N TRP A 53 0.83 19.85 -3.89
CA TRP A 53 0.94 18.40 -3.81
C TRP A 53 2.35 17.92 -4.09
N GLN A 54 2.94 18.44 -5.15
CA GLN A 54 4.26 18.03 -5.57
C GLN A 54 5.16 19.25 -5.47
N PRO A 55 5.76 19.46 -4.29
CA PRO A 55 6.57 20.67 -4.07
C PRO A 55 7.94 20.59 -4.72
N TYR A 56 8.35 19.40 -5.13
CA TYR A 56 9.66 19.22 -5.73
C TYR A 56 9.70 19.44 -7.25
N THR A 57 8.65 20.01 -7.83
CA THR A 57 8.60 20.20 -9.27
C THR A 57 7.87 21.48 -9.67
N ASP A 58 8.22 22.04 -10.82
CA ASP A 58 7.57 23.24 -11.34
C ASP A 58 6.51 22.88 -12.38
N ASP A 59 6.34 21.60 -12.66
CA ASP A 59 5.42 21.13 -13.69
C ASP A 59 3.99 21.63 -13.47
N LYS A 60 3.34 22.09 -14.54
CA LYS A 60 1.98 22.62 -14.46
C LYS A 60 0.97 21.47 -14.49
N GLU A 61 1.25 20.47 -15.31
CA GLU A 61 0.39 19.32 -15.47
C GLU A 61 1.09 18.07 -14.89
N ILE A 62 0.31 17.24 -14.18
CA ILE A 62 0.80 15.99 -13.59
C ILE A 62 -0.15 14.87 -13.96
N VAL A 63 0.42 13.76 -14.42
CA VAL A 63 -0.35 12.64 -14.91
C VAL A 63 -0.28 11.45 -13.92
N ILE A 64 -1.44 10.92 -13.56
CA ILE A 64 -1.57 9.71 -12.75
C ILE A 64 -2.47 8.72 -13.44
N ASP A 65 -2.14 7.44 -13.34
CA ASP A 65 -2.98 6.40 -13.86
C ASP A 65 -4.17 6.31 -12.91
N ASP A 66 -5.35 6.09 -13.46
CA ASP A 66 -6.56 6.12 -12.66
C ASP A 66 -6.63 4.96 -11.69
N SER A 67 -5.85 3.91 -11.89
CA SER A 67 -5.79 2.82 -10.91
C SER A 67 -5.21 3.25 -9.55
N LYS A 68 -4.54 4.40 -9.50
CA LYS A 68 -3.93 4.90 -8.27
C LYS A 68 -4.88 5.83 -7.55
N VAL A 69 -6.12 5.96 -8.05
CA VAL A 69 -7.14 6.81 -7.44
C VAL A 69 -8.33 5.96 -6.95
N ILE A 70 -8.69 6.09 -5.67
CA ILE A 70 -9.77 5.32 -5.08
C ILE A 70 -11.10 6.00 -5.36
N THR A 71 -11.16 7.32 -5.28
CA THR A 71 -12.40 8.02 -5.59
C THR A 71 -12.15 9.37 -6.19
N ILE A 72 -13.07 9.80 -7.03
CA ILE A 72 -13.05 11.17 -7.54
C ILE A 72 -14.41 11.76 -7.24
N THR A 73 -14.40 12.94 -6.64
CA THR A 73 -15.55 13.43 -5.93
C THR A 73 -15.55 14.96 -6.03
N SER A 74 -16.72 15.57 -6.16
CA SER A 74 -16.82 17.03 -6.30
C SER A 74 -16.90 17.73 -4.94
N PRO A 75 -16.02 18.71 -4.71
CA PRO A 75 -15.88 19.36 -3.40
C PRO A 75 -17.03 20.21 -2.94
N LYS A 76 -17.18 20.33 -1.62
CA LYS A 76 -18.13 21.29 -1.03
C LYS A 76 -17.74 22.72 -1.39
N ASP A 77 -18.74 23.61 -1.42
CA ASP A 77 -18.57 24.99 -1.88
C ASP A 77 -17.45 25.73 -1.14
N ASP A 78 -17.43 25.60 0.20
CA ASP A 78 -16.39 26.23 1.01
C ASP A 78 -14.96 25.81 0.58
N ILE A 79 -14.78 24.56 0.13
CA ILE A 79 -13.47 24.07 -0.33
C ILE A 79 -13.08 24.60 -1.71
N ILE A 80 -14.06 24.73 -2.61
CA ILE A 80 -13.80 25.30 -3.93
C ILE A 80 -13.37 26.76 -3.78
N LYS A 81 -14.08 27.52 -2.94
CA LYS A 81 -13.76 28.94 -2.76
C LYS A 81 -12.31 29.10 -2.32
N SER A 82 -11.90 28.35 -1.31
CA SER A 82 -10.52 28.41 -0.82
C SER A 82 -9.53 27.98 -1.89
N TYR A 83 -9.88 26.93 -2.63
CA TYR A 83 -9.05 26.48 -3.74
C TYR A 83 -8.87 27.58 -4.78
N GLU A 84 -9.99 28.20 -5.15
CA GLU A 84 -10.01 29.26 -6.14
C GLU A 84 -9.11 30.39 -5.67
N SER A 85 -9.27 30.80 -4.42
CA SER A 85 -8.46 31.88 -3.85
C SER A 85 -6.98 31.51 -3.69
N HIS A 86 -6.69 30.22 -3.58
CA HIS A 86 -5.31 29.71 -3.66
C HIS A 86 -4.70 29.72 -5.07
N THR A 87 -5.35 30.39 -6.03
CA THR A 87 -4.90 30.43 -7.44
C THR A 87 -5.71 31.40 -8.31
N LYS B 3 20.80 12.91 -20.46
CA LYS B 3 20.46 12.69 -19.04
C LYS B 3 18.96 12.96 -18.73
N ASN B 4 18.21 11.93 -18.36
CA ASN B 4 16.79 12.07 -18.09
C ASN B 4 16.52 11.98 -16.60
N ILE B 5 16.76 13.08 -15.90
CA ILE B 5 16.60 13.09 -14.45
C ILE B 5 15.15 13.44 -14.11
N LYS B 6 14.47 12.52 -13.40
CA LYS B 6 13.06 12.68 -13.04
C LYS B 6 12.81 12.25 -11.60
N ILE B 7 11.67 12.65 -11.04
CA ILE B 7 11.29 12.26 -9.68
C ILE B 7 10.09 11.35 -9.76
N ARG B 9 7.28 9.28 -7.63
CA ARG B 9 6.64 8.94 -6.38
C ARG B 9 6.25 7.47 -6.43
N LEU B 10 6.86 6.65 -5.59
CA LEU B 10 6.50 5.25 -5.59
C LEU B 10 5.20 4.96 -4.83
N VAL B 11 4.72 3.76 -5.05
CA VAL B 11 3.47 3.29 -4.49
C VAL B 11 3.67 3.08 -2.98
N THR B 12 4.92 2.85 -2.57
CA THR B 12 5.28 2.75 -1.15
C THR B 12 5.42 4.11 -0.43
N GLY B 13 5.16 5.22 -1.11
CA GLY B 13 5.18 6.55 -0.48
C GLY B 13 6.40 7.40 -0.76
N GLU B 14 7.52 6.77 -1.08
CA GLU B 14 8.80 7.48 -1.19
C GLU B 14 8.89 8.30 -2.48
N ASP B 15 9.76 9.29 -2.50
CA ASP B 15 10.07 10.03 -3.72
C ASP B 15 11.51 9.72 -4.09
N ILE B 16 11.71 9.22 -5.31
CA ILE B 16 13.02 8.82 -5.82
C ILE B 16 13.45 9.77 -6.93
N ILE B 17 14.75 10.02 -7.02
CA ILE B 17 15.29 10.84 -8.09
C ILE B 17 16.42 10.11 -8.77
N GLY B 18 16.42 10.11 -10.10
CA GLY B 18 17.43 9.39 -10.86
C GLY B 18 17.33 9.56 -12.35
N ASN B 19 18.30 8.96 -13.06
CA ASN B 19 18.33 8.91 -14.51
C ASN B 19 17.45 7.79 -15.04
N ILE B 20 16.33 8.17 -15.67
CA ILE B 20 15.21 7.28 -15.99
C ILE B 20 15.15 6.98 -17.46
N SER B 21 14.97 5.71 -17.83
CA SER B 21 14.60 5.32 -19.19
C SER B 21 13.44 4.31 -19.15
N GLU B 22 12.43 4.53 -19.99
CA GLU B 22 11.22 3.71 -20.03
C GLU B 22 11.17 2.81 -21.26
N SER B 23 11.71 1.60 -21.19
CA SER B 23 11.58 0.62 -22.28
C SER B 23 10.63 -0.49 -21.85
N GLN B 24 9.89 -1.04 -22.81
CA GLN B 24 8.84 -2.03 -22.51
C GLN B 24 7.86 -1.36 -21.53
N GLY B 25 7.27 -2.09 -20.58
CA GLY B 25 6.51 -1.47 -19.48
C GLY B 25 7.32 -1.34 -18.19
N LEU B 26 8.63 -1.14 -18.33
CA LEU B 26 9.55 -1.09 -17.19
C LEU B 26 10.33 0.21 -17.21
N ILE B 27 10.71 0.65 -16.02
CA ILE B 27 11.53 1.84 -15.87
C ILE B 27 12.86 1.38 -15.34
N THR B 28 13.92 1.79 -16.02
CA THR B 28 15.29 1.51 -15.58
C THR B 28 15.88 2.79 -14.98
N ILE B 29 16.37 2.68 -13.76
CA ILE B 29 16.87 3.83 -13.00
C ILE B 29 18.37 3.68 -12.73
N LYS B 30 19.13 4.69 -13.11
CA LYS B 30 20.56 4.77 -12.79
C LYS B 30 20.78 5.86 -11.74
N LYS B 31 21.68 5.59 -10.79
CA LYS B 31 22.05 6.54 -9.74
C LYS B 31 20.80 7.10 -9.04
N ALA B 32 20.07 6.21 -8.36
CA ALA B 32 18.79 6.54 -7.71
C ALA B 32 18.96 7.01 -6.26
N PHE B 33 18.35 8.13 -5.93
CA PHE B 33 18.35 8.64 -4.54
C PHE B 33 16.94 8.92 -4.00
N VAL B 34 16.72 8.62 -2.73
CA VAL B 34 15.47 8.97 -2.05
C VAL B 34 15.57 10.39 -1.56
N ILE B 35 14.51 11.16 -1.72
CA ILE B 35 14.44 12.53 -1.21
C ILE B 35 13.78 12.49 0.15
N ILE B 36 14.58 12.62 1.20
CA ILE B 36 14.09 12.72 2.58
C ILE B 36 14.01 14.20 2.96
N PRO B 37 12.81 14.69 3.30
CA PRO B 37 12.65 16.06 3.84
C PRO B 37 12.72 16.10 5.36
N GLN B 39 12.13 18.92 9.07
CA GLN B 39 12.06 20.10 9.96
C GLN B 39 10.70 20.79 9.87
N PRO B 45 11.26 26.43 6.68
CA PRO B 45 11.96 26.27 5.40
C PRO B 45 11.98 24.80 4.93
N VAL B 46 11.56 24.53 3.69
CA VAL B 46 11.58 23.15 3.14
C VAL B 46 13.03 22.68 2.95
N GLN B 47 13.40 21.53 3.54
CA GLN B 47 14.80 21.09 3.56
C GLN B 47 14.94 19.63 3.19
N LEU B 48 15.76 19.36 2.16
CA LEU B 48 15.78 18.04 1.57
C LEU B 48 17.14 17.38 1.60
N VAL B 49 17.15 16.07 1.84
CA VAL B 49 18.37 15.27 1.80
C VAL B 49 18.21 14.15 0.81
N LEU B 50 19.22 13.99 -0.05
CA LEU B 50 19.30 12.87 -0.97
C LEU B 50 20.14 11.76 -0.35
N SER B 51 19.57 10.57 -0.24
CA SER B 51 20.32 9.40 0.18
C SER B 51 20.11 8.24 -0.79
N PRO B 52 21.12 7.39 -0.99
CA PRO B 52 20.99 6.29 -1.95
C PRO B 52 19.77 5.43 -1.68
N TRP B 53 19.03 5.13 -2.73
CA TRP B 53 17.73 4.48 -2.57
C TRP B 53 17.86 3.03 -2.12
N GLN B 54 18.77 2.30 -2.74
CA GLN B 54 18.95 0.90 -2.45
C GLN B 54 20.36 0.75 -1.92
N PRO B 55 20.55 0.93 -0.61
CA PRO B 55 21.88 0.87 -0.03
C PRO B 55 22.43 -0.54 0.12
N TYR B 56 21.59 -1.56 -0.02
CA TYR B 56 22.06 -2.94 0.13
C TYR B 56 22.61 -3.56 -1.16
N THR B 57 22.81 -2.76 -2.21
CA THR B 57 23.24 -3.28 -3.50
C THR B 57 24.24 -2.37 -4.20
N ASP B 58 25.10 -2.96 -5.03
CA ASP B 58 26.08 -2.24 -5.83
C ASP B 58 25.56 -1.98 -7.25
N ASP B 59 24.39 -2.52 -7.57
CA ASP B 59 23.86 -2.45 -8.93
C ASP B 59 23.76 -1.00 -9.43
N LYS B 60 24.15 -0.79 -10.68
CA LYS B 60 24.15 0.54 -11.31
C LYS B 60 22.76 0.86 -11.85
N GLU B 61 22.09 -0.16 -12.39
CA GLU B 61 20.73 -0.04 -12.90
C GLU B 61 19.74 -0.82 -12.03
N ILE B 62 18.58 -0.22 -11.82
CA ILE B 62 17.47 -0.84 -11.09
C ILE B 62 16.21 -0.78 -11.93
N VAL B 63 15.52 -1.90 -12.05
CA VAL B 63 14.31 -1.98 -12.85
C VAL B 63 13.09 -2.06 -11.94
N ILE B 64 12.09 -1.20 -12.21
CA ILE B 64 10.79 -1.26 -11.57
C ILE B 64 9.69 -1.27 -12.61
N ASP B 65 8.63 -2.03 -12.37
CA ASP B 65 7.45 -1.98 -13.21
C ASP B 65 6.78 -0.65 -13.00
N ASP B 66 6.26 -0.05 -14.07
CA ASP B 66 5.67 1.27 -13.98
C ASP B 66 4.36 1.28 -13.19
N SER B 67 3.75 0.13 -12.98
CA SER B 67 2.59 0.04 -12.10
C SER B 67 2.90 0.38 -10.62
N LYS B 68 4.18 0.38 -10.24
CA LYS B 68 4.57 0.72 -8.87
C LYS B 68 4.91 2.20 -8.72
N VAL B 69 4.67 2.99 -9.77
CA VAL B 69 4.95 4.42 -9.73
C VAL B 69 3.67 5.20 -9.87
N ILE B 70 3.43 6.16 -8.98
CA ILE B 70 2.23 6.98 -9.05
C ILE B 70 2.44 8.16 -10.01
N THR B 71 3.55 8.88 -9.88
CA THR B 71 3.80 10.02 -10.79
C THR B 71 5.26 10.14 -11.17
N ILE B 72 5.52 10.55 -12.40
CA ILE B 72 6.87 10.83 -12.87
C ILE B 72 6.91 12.28 -13.26
N THR B 73 7.84 13.02 -12.69
CA THR B 73 7.75 14.47 -12.67
C THR B 73 9.16 15.04 -12.78
N SER B 74 9.32 16.16 -13.47
CA SER B 74 10.67 16.76 -13.64
C SER B 74 11.01 17.75 -12.50
N PRO B 75 12.18 17.57 -11.86
CA PRO B 75 12.52 18.31 -10.65
C PRO B 75 12.80 19.80 -10.83
N LYS B 76 12.59 20.56 -9.74
CA LYS B 76 12.99 21.96 -9.67
C LYS B 76 14.50 22.07 -9.87
N ASP B 77 14.93 23.21 -10.40
CA ASP B 77 16.35 23.41 -10.73
C ASP B 77 17.32 23.15 -9.57
N ASP B 78 17.01 23.64 -8.38
CA ASP B 78 17.93 23.44 -7.26
C ASP B 78 18.05 21.95 -6.89
N ILE B 79 16.98 21.17 -7.10
CA ILE B 79 17.05 19.74 -6.81
C ILE B 79 17.95 19.02 -7.84
N ILE B 80 17.88 19.42 -9.11
CA ILE B 80 18.77 18.81 -10.10
C ILE B 80 20.22 19.16 -9.78
N LYS B 81 20.48 20.41 -9.43
CA LYS B 81 21.85 20.84 -9.16
C LYS B 81 22.44 20.02 -8.01
N SER B 82 21.71 19.86 -6.92
CA SER B 82 22.20 19.01 -5.84
C SER B 82 22.39 17.58 -6.31
N TYR B 83 21.42 17.06 -7.06
CA TYR B 83 21.50 15.68 -7.56
C TYR B 83 22.76 15.51 -8.42
N GLU B 84 22.99 16.48 -9.29
CA GLU B 84 24.17 16.42 -10.15
C GLU B 84 25.43 16.46 -9.31
N SER B 85 25.51 17.34 -8.32
CA SER B 85 26.69 17.44 -7.47
C SER B 85 26.85 16.24 -6.54
N HIS B 86 25.75 15.54 -6.29
CA HIS B 86 25.77 14.31 -5.52
C HIS B 86 26.22 13.12 -6.38
N THR B 87 26.20 13.28 -7.70
CA THR B 87 26.61 12.21 -8.65
C THR B 87 27.88 12.55 -9.44
N SER B 88 28.97 11.82 -9.16
CA SER B 88 30.22 11.95 -9.93
C SER B 88 31.05 10.65 -9.89
N LYS C 3 -32.30 -1.78 -0.79
CA LYS C 3 -31.36 -1.15 0.18
C LYS C 3 -30.43 -2.21 0.80
N ASN C 4 -29.16 -2.17 0.40
CA ASN C 4 -28.21 -3.23 0.73
C ASN C 4 -27.05 -2.66 1.55
N ILE C 5 -27.09 -2.83 2.87
CA ILE C 5 -26.05 -2.29 3.74
C ILE C 5 -24.96 -3.32 3.99
N LYS C 6 -23.71 -2.97 3.67
CA LYS C 6 -22.58 -3.87 3.81
C LYS C 6 -21.37 -3.12 4.35
N ILE C 7 -20.36 -3.85 4.83
CA ILE C 7 -19.12 -3.26 5.29
C ILE C 7 -17.96 -3.62 4.36
N ARG C 9 -13.93 -3.37 3.71
CA ARG C 9 -12.58 -3.08 4.14
C ARG C 9 -11.84 -2.53 2.93
N LEU C 10 -11.43 -1.27 2.97
CA LEU C 10 -10.71 -0.73 1.84
C LEU C 10 -9.23 -1.12 1.91
N VAL C 11 -8.57 -0.92 0.78
CA VAL C 11 -7.18 -1.28 0.63
C VAL C 11 -6.30 -0.29 1.39
N THR C 12 -6.87 0.88 1.67
CA THR C 12 -6.25 1.90 2.52
C THR C 12 -6.41 1.59 4.03
N GLY C 13 -7.06 0.48 4.39
CA GLY C 13 -7.16 0.07 5.80
C GLY C 13 -8.49 0.32 6.48
N GLU C 14 -9.25 1.29 5.98
CA GLU C 14 -10.48 1.72 6.65
C GLU C 14 -11.59 0.70 6.49
N ASP C 15 -12.57 0.77 7.39
CA ASP C 15 -13.82 0.03 7.28
C ASP C 15 -14.96 1.00 7.02
N ILE C 16 -15.63 0.83 5.88
CA ILE C 16 -16.72 1.69 5.42
C ILE C 16 -18.06 0.95 5.52
N ILE C 17 -19.14 1.66 5.89
CA ILE C 17 -20.49 1.06 5.90
C ILE C 17 -21.46 1.92 5.10
N GLY C 18 -22.24 1.28 4.25
CA GLY C 18 -23.16 2.01 3.40
C GLY C 18 -24.04 1.13 2.56
N ASN C 19 -24.92 1.78 1.81
CA ASN C 19 -25.80 1.14 0.84
C ASN C 19 -25.04 0.89 -0.49
N ILE C 20 -24.81 -0.38 -0.78
CA ILE C 20 -23.90 -0.83 -1.82
C ILE C 20 -24.66 -1.43 -3.00
N SER C 21 -24.29 -1.03 -4.22
CA SER C 21 -24.74 -1.75 -5.42
C SER C 21 -23.52 -1.97 -6.35
N GLU C 22 -23.40 -3.19 -6.88
CA GLU C 22 -22.26 -3.60 -7.70
C GLU C 22 -22.66 -3.74 -9.17
N SER C 23 -22.51 -2.68 -9.96
CA SER C 23 -22.72 -2.77 -11.41
C SER C 23 -21.40 -2.60 -12.16
N GLN C 24 -21.28 -3.29 -13.30
CA GLN C 24 -20.00 -3.47 -14.03
C GLN C 24 -18.95 -3.97 -13.02
N GLY C 25 -17.71 -3.48 -13.07
CA GLY C 25 -16.72 -3.80 -12.03
C GLY C 25 -16.55 -2.69 -10.99
N LEU C 26 -17.63 -1.95 -10.73
CA LEU C 26 -17.63 -0.80 -9.83
C LEU C 26 -18.67 -0.96 -8.75
N ILE C 27 -18.36 -0.39 -7.58
CA ILE C 27 -19.26 -0.38 -6.44
C ILE C 27 -19.74 1.05 -6.26
N THR C 28 -21.05 1.25 -6.23
CA THR C 28 -21.63 2.54 -5.94
C THR C 28 -22.10 2.52 -4.50
N ILE C 29 -21.69 3.52 -3.71
CA ILE C 29 -22.02 3.59 -2.29
C ILE C 29 -22.84 4.84 -1.99
N LYS C 30 -23.98 4.63 -1.33
CA LYS C 30 -24.82 5.73 -0.85
C LYS C 30 -24.78 5.79 0.69
N LYS C 31 -24.79 7.02 1.23
CA LYS C 31 -24.73 7.25 2.67
C LYS C 31 -23.60 6.45 3.34
N ALA C 32 -22.36 6.78 2.99
CA ALA C 32 -21.17 6.04 3.43
C ALA C 32 -20.57 6.58 4.73
N PHE C 33 -20.32 5.69 5.70
CA PHE C 33 -19.67 6.07 6.96
C PHE C 33 -18.45 5.22 7.30
N VAL C 34 -17.40 5.86 7.84
CA VAL C 34 -16.23 5.15 8.35
C VAL C 34 -16.54 4.67 9.76
N ILE C 35 -16.16 3.44 10.07
CA ILE C 35 -16.28 2.91 11.42
C ILE C 35 -14.98 3.10 12.18
N ILE C 36 -14.95 4.09 13.06
CA ILE C 36 -13.81 4.33 13.91
C ILE C 36 -14.05 3.70 15.28
N PRO C 37 -13.23 2.73 15.68
CA PRO C 37 -13.31 2.19 17.04
C PRO C 37 -12.43 2.97 18.01
N GLN C 39 -11.12 3.04 22.70
CA GLN C 39 -11.32 2.62 24.10
C GLN C 39 -10.54 3.51 25.07
N ALA C 40 -10.52 3.13 26.35
CA ALA C 40 -9.75 3.82 27.39
C ALA C 40 -9.64 2.99 28.67
N PRO C 45 -14.78 -2.27 27.26
CA PRO C 45 -15.81 -2.01 26.28
C PRO C 45 -15.31 -1.15 25.12
N VAL C 46 -15.06 -1.78 23.96
CA VAL C 46 -14.62 -1.06 22.76
C VAL C 46 -15.83 -0.51 21.99
N GLN C 47 -15.97 0.80 21.95
CA GLN C 47 -17.09 1.46 21.30
C GLN C 47 -16.75 1.86 19.86
N LEU C 48 -17.74 1.77 18.97
CA LEU C 48 -17.60 2.12 17.53
C LEU C 48 -18.28 3.44 17.22
N VAL C 49 -17.64 4.28 16.42
CA VAL C 49 -18.23 5.55 16.00
C VAL C 49 -18.31 5.61 14.48
N LEU C 50 -19.48 5.96 13.97
CA LEU C 50 -19.66 6.15 12.55
C LEU C 50 -19.50 7.63 12.24
N SER C 51 -18.63 7.94 11.30
CA SER C 51 -18.44 9.29 10.82
C SER C 51 -18.46 9.29 9.28
N PRO C 52 -19.01 10.36 8.67
CA PRO C 52 -19.10 10.45 7.21
C PRO C 52 -17.76 10.19 6.53
N TRP C 53 -17.77 9.33 5.53
CA TRP C 53 -16.54 8.85 4.92
C TRP C 53 -15.82 9.92 4.11
N GLN C 54 -16.58 10.66 3.32
CA GLN C 54 -16.01 11.68 2.46
C GLN C 54 -16.64 13.00 2.90
N PRO C 55 -16.03 13.64 3.91
CA PRO C 55 -16.59 14.89 4.43
C PRO C 55 -16.38 16.09 3.53
N TYR C 56 -15.51 15.99 2.53
CA TYR C 56 -15.23 17.12 1.64
C TYR C 56 -16.18 17.22 0.44
N THR C 57 -17.27 16.44 0.42
CA THR C 57 -18.18 16.41 -0.72
C THR C 57 -19.64 16.27 -0.30
N ASP C 58 -20.54 16.77 -1.15
CA ASP C 58 -21.98 16.63 -0.92
C ASP C 58 -22.58 15.48 -1.73
N ASP C 59 -21.75 14.81 -2.53
CA ASP C 59 -22.23 13.76 -3.43
C ASP C 59 -22.98 12.68 -2.67
N LYS C 60 -24.10 12.23 -3.23
CA LYS C 60 -24.94 11.23 -2.60
C LYS C 60 -24.44 9.82 -2.96
N GLU C 61 -23.90 9.67 -4.16
CA GLU C 61 -23.29 8.42 -4.64
C GLU C 61 -21.78 8.55 -4.79
N ILE C 62 -21.04 7.53 -4.37
CA ILE C 62 -19.60 7.47 -4.59
C ILE C 62 -19.25 6.15 -5.23
N VAL C 63 -18.41 6.21 -6.26
CA VAL C 63 -18.00 5.04 -7.04
C VAL C 63 -16.55 4.65 -6.76
N ILE C 64 -16.34 3.38 -6.41
CA ILE C 64 -15.01 2.82 -6.17
C ILE C 64 -14.85 1.57 -7.03
N ASP C 65 -13.68 1.38 -7.59
CA ASP C 65 -13.38 0.16 -8.32
C ASP C 65 -13.27 -0.95 -7.29
N ASP C 66 -13.76 -2.14 -7.62
CA ASP C 66 -13.78 -3.24 -6.62
C ASP C 66 -12.38 -3.77 -6.30
N SER C 67 -11.40 -3.42 -7.11
CA SER C 67 -10.01 -3.75 -6.81
C SER C 67 -9.49 -3.03 -5.55
N LYS C 68 -10.14 -1.95 -5.12
CA LYS C 68 -9.71 -1.20 -3.95
C LYS C 68 -10.43 -1.72 -2.68
N VAL C 69 -11.20 -2.78 -2.79
CA VAL C 69 -11.88 -3.34 -1.64
C VAL C 69 -11.36 -4.76 -1.33
N ILE C 70 -10.91 -4.98 -0.10
CA ILE C 70 -10.36 -6.28 0.31
C ILE C 70 -11.50 -7.22 0.62
N THR C 71 -12.51 -6.76 1.35
CA THR C 71 -13.64 -7.65 1.73
C THR C 71 -14.94 -6.87 1.78
N ILE C 72 -16.02 -7.57 1.44
CA ILE C 72 -17.36 -7.04 1.54
C ILE C 72 -18.17 -7.99 2.40
N THR C 73 -18.75 -7.47 3.46
CA THR C 73 -19.20 -8.29 4.56
C THR C 73 -20.47 -7.67 5.13
N SER C 74 -21.40 -8.49 5.57
CA SER C 74 -22.67 -7.99 6.13
C SER C 74 -22.55 -7.76 7.64
N PRO C 75 -22.94 -6.57 8.10
CA PRO C 75 -22.71 -6.13 9.48
C PRO C 75 -23.55 -6.82 10.56
N LYS C 76 -23.03 -6.87 11.78
CA LYS C 76 -23.79 -7.34 12.95
C LYS C 76 -24.99 -6.41 13.18
N ASP C 77 -26.04 -6.97 13.79
CA ASP C 77 -27.31 -6.26 13.98
C ASP C 77 -27.14 -4.90 14.68
N ASP C 78 -26.35 -4.87 15.75
CA ASP C 78 -26.09 -3.63 16.48
C ASP C 78 -25.60 -2.53 15.53
N ILE C 79 -24.73 -2.90 14.61
CA ILE C 79 -24.11 -1.93 13.71
C ILE C 79 -25.12 -1.40 12.69
N ILE C 80 -26.00 -2.27 12.21
CA ILE C 80 -27.06 -1.85 11.29
C ILE C 80 -27.97 -0.85 11.96
N LYS C 81 -28.40 -1.18 13.19
CA LYS C 81 -29.34 -0.31 13.91
C LYS C 81 -28.76 1.09 14.05
N SER C 82 -27.52 1.19 14.50
CA SER C 82 -26.85 2.49 14.61
C SER C 82 -26.71 3.19 13.27
N TYR C 83 -26.35 2.44 12.24
CA TYR C 83 -26.25 3.00 10.90
C TYR C 83 -27.60 3.54 10.44
N GLU C 84 -28.66 2.75 10.65
CA GLU C 84 -30.01 3.17 10.28
C GLU C 84 -30.37 4.46 11.00
N SER C 85 -30.11 4.50 12.30
CA SER C 85 -30.40 5.71 13.10
C SER C 85 -29.54 6.92 12.71
N HIS C 86 -28.36 6.67 12.16
CA HIS C 86 -27.44 7.75 11.74
C HIS C 86 -27.88 8.45 10.45
N THR C 87 -28.55 7.73 9.55
CA THR C 87 -29.04 8.31 8.31
C THR C 87 -30.54 8.56 8.40
N SER C 88 -30.93 9.49 9.27
CA SER C 88 -32.33 9.81 9.48
C SER C 88 -32.49 11.27 9.90
N LYS D 3 23.46 -21.11 -5.97
CA LYS D 3 22.63 -20.15 -5.19
C LYS D 3 22.40 -18.81 -5.93
N ASN D 4 21.15 -18.35 -6.03
CA ASN D 4 20.86 -17.01 -6.56
C ASN D 4 20.31 -16.13 -5.45
N ILE D 5 21.21 -15.52 -4.70
CA ILE D 5 20.84 -14.68 -3.58
C ILE D 5 20.58 -13.26 -4.07
N LYS D 6 19.37 -12.76 -3.82
CA LYS D 6 18.97 -11.40 -4.24
C LYS D 6 18.20 -10.70 -3.13
N ILE D 7 18.02 -9.39 -3.26
CA ILE D 7 17.24 -8.62 -2.30
C ILE D 7 15.97 -8.12 -2.97
N ARG D 9 12.67 -5.77 -2.54
CA ARG D 9 11.88 -4.76 -1.84
C ARG D 9 10.45 -5.16 -2.05
N LEU D 10 9.72 -5.51 -1.00
CA LEU D 10 8.31 -5.81 -1.15
C LEU D 10 7.44 -4.53 -1.21
N VAL D 11 6.21 -4.74 -1.60
CA VAL D 11 5.26 -3.68 -1.78
C VAL D 11 4.78 -3.22 -0.39
N THR D 12 4.93 -4.10 0.61
CA THR D 12 4.69 -3.77 2.02
C THR D 12 5.81 -2.94 2.69
N GLY D 13 6.89 -2.65 1.95
CA GLY D 13 8.00 -1.83 2.46
C GLY D 13 9.26 -2.59 2.85
N GLU D 14 9.13 -3.87 3.16
CA GLU D 14 10.26 -4.63 3.71
C GLU D 14 11.33 -4.92 2.67
N ASP D 15 12.53 -5.22 3.14
CA ASP D 15 13.60 -5.73 2.30
C ASP D 15 13.89 -7.18 2.67
N ILE D 16 13.73 -8.09 1.73
CA ILE D 16 13.91 -9.53 1.96
C ILE D 16 15.15 -10.02 1.22
N ILE D 17 15.87 -10.96 1.82
CA ILE D 17 17.04 -11.54 1.18
C ILE D 17 16.92 -13.05 1.21
N GLY D 18 17.16 -13.67 0.06
CA GLY D 18 17.03 -15.12 -0.05
C GLY D 18 17.48 -15.70 -1.38
N ASN D 19 17.45 -17.03 -1.46
CA ASN D 19 17.71 -17.74 -2.71
C ASN D 19 16.45 -17.73 -3.56
N ILE D 20 16.53 -17.08 -4.72
CA ILE D 20 15.36 -16.76 -5.55
C ILE D 20 15.39 -17.54 -6.84
N SER D 21 14.22 -18.06 -7.24
CA SER D 21 14.03 -18.55 -8.61
C SER D 21 12.70 -18.04 -9.13
N GLU D 22 12.71 -17.58 -10.38
CA GLU D 22 11.54 -16.99 -11.02
C GLU D 22 10.96 -17.91 -12.10
N SER D 23 10.00 -18.77 -11.74
CA SER D 23 9.28 -19.63 -12.69
C SER D 23 7.84 -19.15 -12.84
N GLN D 24 7.27 -19.25 -14.04
CA GLN D 24 5.96 -18.63 -14.35
C GLN D 24 6.03 -17.13 -14.02
N GLY D 25 4.94 -16.56 -13.50
CA GLY D 25 4.98 -15.19 -12.97
C GLY D 25 5.14 -15.17 -11.46
N LEU D 26 5.83 -16.17 -10.90
CA LEU D 26 5.97 -16.34 -9.45
C LEU D 26 7.43 -16.47 -9.04
N ILE D 27 7.73 -15.95 -7.86
CA ILE D 27 9.06 -16.01 -7.29
C ILE D 27 9.02 -17.00 -6.15
N THR D 28 9.91 -17.99 -6.19
CA THR D 28 10.05 -18.93 -5.09
C THR D 28 11.29 -18.58 -4.29
N ILE D 29 11.11 -18.42 -2.98
CA ILE D 29 12.18 -17.98 -2.09
C ILE D 29 12.55 -19.09 -1.10
N LYS D 30 13.84 -19.41 -1.03
CA LYS D 30 14.35 -20.35 -0.03
C LYS D 30 15.20 -19.57 1.00
N LYS D 31 15.11 -19.96 2.28
CA LYS D 31 15.87 -19.33 3.36
C LYS D 31 15.75 -17.81 3.34
N ALA D 32 14.53 -17.29 3.52
CA ALA D 32 14.26 -15.83 3.39
C ALA D 32 14.43 -15.07 4.70
N PHE D 33 15.19 -13.97 4.66
CA PHE D 33 15.38 -13.11 5.83
C PHE D 33 15.03 -11.65 5.57
N VAL D 34 14.42 -11.00 6.55
CA VAL D 34 14.18 -9.56 6.50
C VAL D 34 15.41 -8.82 6.96
N ILE D 35 15.78 -7.76 6.26
CA ILE D 35 16.90 -6.91 6.63
C ILE D 35 16.37 -5.75 7.44
N ILE D 36 16.56 -5.82 8.75
CA ILE D 36 16.19 -4.75 9.67
C ILE D 36 17.42 -3.91 9.99
N PRO D 37 17.40 -2.62 9.64
CA PRO D 37 18.49 -1.70 10.00
C PRO D 37 18.21 -1.04 11.34
N GLN D 39 19.79 2.06 14.55
CA GLN D 39 20.62 2.54 15.65
C GLN D 39 19.74 3.23 16.69
N GLY D 43 21.83 8.81 16.33
CA GLY D 43 22.52 8.94 15.05
C GLY D 43 23.98 8.49 15.09
N LYS D 44 24.19 7.19 15.09
CA LYS D 44 25.52 6.60 14.98
C LYS D 44 25.50 5.61 13.79
N PRO D 45 26.57 4.79 13.62
CA PRO D 45 26.56 3.76 12.56
C PRO D 45 25.30 2.88 12.51
N VAL D 46 24.94 2.38 11.32
CA VAL D 46 23.78 1.49 11.18
C VAL D 46 24.17 0.01 11.07
N GLN D 47 23.74 -0.78 12.05
CA GLN D 47 23.96 -2.23 12.06
C GLN D 47 22.74 -2.91 11.39
N LEU D 48 22.96 -3.68 10.32
CA LEU D 48 21.89 -4.41 9.63
C LEU D 48 21.70 -5.73 10.35
N VAL D 49 20.46 -6.12 10.59
CA VAL D 49 20.14 -7.39 11.22
C VAL D 49 19.25 -8.25 10.32
N LEU D 50 19.65 -9.48 10.11
CA LEU D 50 18.85 -10.45 9.35
C LEU D 50 18.01 -11.26 10.33
N SER D 51 16.70 -11.25 10.14
CA SER D 51 15.80 -12.12 10.91
C SER D 51 14.88 -12.88 9.96
N PRO D 52 14.50 -14.11 10.31
CA PRO D 52 13.64 -14.91 9.44
C PRO D 52 12.38 -14.19 9.04
N TRP D 53 12.03 -14.23 7.77
CA TRP D 53 10.93 -13.42 7.23
C TRP D 53 9.58 -13.91 7.71
N GLN D 54 9.34 -15.21 7.64
CA GLN D 54 8.07 -15.77 8.02
C GLN D 54 8.33 -16.66 9.20
N PRO D 55 8.28 -16.10 10.41
CA PRO D 55 8.60 -16.86 11.61
C PRO D 55 7.49 -17.83 12.03
N TYR D 56 6.28 -17.64 11.48
CA TYR D 56 5.14 -18.47 11.83
C TYR D 56 5.03 -19.79 11.02
N THR D 57 6.07 -20.14 10.24
CA THR D 57 6.01 -21.36 9.39
C THR D 57 7.34 -22.06 9.27
N ASP D 58 7.28 -23.37 9.03
CA ASP D 58 8.47 -24.20 8.86
C ASP D 58 8.78 -24.41 7.38
N ASP D 59 7.95 -23.85 6.50
CA ASP D 59 8.10 -24.07 5.05
C ASP D 59 9.48 -23.63 4.55
N LYS D 60 10.07 -24.44 3.68
CA LYS D 60 11.41 -24.20 3.13
C LYS D 60 11.32 -23.23 1.96
N GLU D 61 10.27 -23.40 1.14
CA GLU D 61 10.02 -22.58 -0.03
C GLU D 61 8.79 -21.69 0.23
N ILE D 62 8.87 -20.43 -0.19
CA ILE D 62 7.74 -19.50 -0.12
C ILE D 62 7.55 -18.88 -1.48
N VAL D 63 6.30 -18.82 -1.94
CA VAL D 63 5.97 -18.28 -3.25
C VAL D 63 5.25 -16.92 -3.13
N ILE D 64 5.74 -15.93 -3.87
CA ILE D 64 5.09 -14.63 -3.97
C ILE D 64 4.90 -14.28 -5.44
N ASP D 65 3.79 -13.61 -5.76
CA ASP D 65 3.60 -13.11 -7.11
C ASP D 65 4.57 -11.95 -7.29
N ASP D 66 5.10 -11.82 -8.49
CA ASP D 66 6.08 -10.79 -8.80
C ASP D 66 5.46 -9.39 -8.74
N SER D 67 4.15 -9.29 -8.82
CA SER D 67 3.47 -8.01 -8.65
C SER D 67 3.65 -7.40 -7.26
N LYS D 68 3.98 -8.23 -6.27
CA LYS D 68 4.15 -7.76 -4.90
C LYS D 68 5.59 -7.35 -4.61
N VAL D 69 6.44 -7.31 -5.63
CA VAL D 69 7.85 -6.92 -5.48
C VAL D 69 8.15 -5.66 -6.29
N ILE D 70 8.75 -4.66 -5.66
CA ILE D 70 9.08 -3.41 -6.34
C ILE D 70 10.43 -3.48 -7.09
N THR D 71 11.46 -4.01 -6.43
CA THR D 71 12.77 -4.18 -7.06
C THR D 71 13.37 -5.52 -6.66
N ILE D 72 14.15 -6.10 -7.55
CA ILE D 72 14.97 -7.27 -7.22
C ILE D 72 16.41 -6.90 -7.57
N THR D 73 17.30 -7.08 -6.62
CA THR D 73 18.58 -6.40 -6.65
C THR D 73 19.63 -7.32 -6.00
N SER D 74 20.86 -7.30 -6.53
CA SER D 74 21.91 -8.17 -6.01
C SER D 74 22.72 -7.48 -4.89
N PRO D 75 22.85 -8.15 -3.73
CA PRO D 75 23.38 -7.55 -2.54
C PRO D 75 24.87 -7.23 -2.55
N LYS D 76 25.27 -6.25 -1.75
CA LYS D 76 26.69 -5.96 -1.50
C LYS D 76 27.39 -7.16 -0.84
N ASP D 77 28.69 -7.29 -1.09
CA ASP D 77 29.44 -8.48 -0.67
C ASP D 77 29.34 -8.70 0.84
N ASP D 78 29.39 -7.60 1.59
CA ASP D 78 29.24 -7.64 3.06
C ASP D 78 27.96 -8.39 3.47
N ILE D 79 26.85 -8.10 2.77
CA ILE D 79 25.55 -8.64 3.09
C ILE D 79 25.40 -10.12 2.69
N ILE D 80 26.03 -10.52 1.59
CA ILE D 80 26.00 -11.93 1.19
C ILE D 80 26.78 -12.79 2.21
N LYS D 81 27.93 -12.29 2.65
CA LYS D 81 28.74 -13.04 3.61
C LYS D 81 27.95 -13.33 4.89
N SER D 82 27.30 -12.30 5.45
CA SER D 82 26.49 -12.48 6.66
C SER D 82 25.29 -13.39 6.41
N TYR D 83 24.67 -13.25 5.25
CA TYR D 83 23.57 -14.13 4.85
C TYR D 83 24.05 -15.59 4.79
N GLU D 84 25.18 -15.79 4.14
CA GLU D 84 25.73 -17.11 3.99
C GLU D 84 26.02 -17.70 5.39
N SER D 85 26.64 -16.92 6.28
CA SER D 85 26.95 -17.42 7.62
C SER D 85 25.69 -17.58 8.47
N HIS D 86 24.61 -16.92 8.06
CA HIS D 86 23.28 -17.06 8.67
C HIS D 86 22.51 -18.30 8.26
N THR D 87 22.98 -18.99 7.21
CA THR D 87 22.25 -20.13 6.63
C THR D 87 23.07 -21.42 6.32
N SER D 88 24.43 -21.33 6.39
CA SER D 88 25.25 -22.49 6.02
C SER D 88 26.64 -22.58 6.75
N GLU D 89 27.35 -23.71 6.48
CA GLU D 89 28.62 -24.03 7.19
C GLU D 89 29.92 -23.83 6.42
N ILE D 90 31.01 -23.17 7.17
CA ILE D 90 31.84 -22.17 6.45
C ILE D 90 33.33 -22.43 6.25
N ILE D 91 33.99 -21.49 5.54
CA ILE D 91 35.44 -21.57 5.28
C ILE D 91 36.23 -20.99 6.46
N ASN E 4 -7.91 -27.46 5.75
CA ASN E 4 -6.72 -26.74 5.19
C ASN E 4 -6.46 -25.40 5.89
N ILE E 5 -5.85 -25.48 7.08
CA ILE E 5 -5.52 -24.30 7.86
C ILE E 5 -4.20 -23.72 7.36
N LYS E 6 -4.21 -22.46 6.94
CA LYS E 6 -3.02 -21.79 6.40
C LYS E 6 -2.94 -20.36 6.95
N ILE E 7 -1.78 -19.74 6.80
CA ILE E 7 -1.55 -18.36 7.23
C ILE E 7 -1.34 -17.45 6.03
N ARG E 9 -0.45 -13.69 4.70
CA ARG E 9 -0.02 -12.33 4.93
C ARG E 9 -0.78 -11.47 3.95
N LEU E 10 -1.63 -10.59 4.46
CA LEU E 10 -2.38 -9.70 3.59
C LEU E 10 -1.54 -8.52 3.14
N VAL E 11 -2.04 -7.84 2.12
CA VAL E 11 -1.34 -6.73 1.53
C VAL E 11 -1.41 -5.53 2.48
N THR E 12 -2.40 -5.55 3.38
CA THR E 12 -2.53 -4.58 4.45
C THR E 12 -1.57 -4.81 5.63
N GLY E 13 -0.74 -5.86 5.56
CA GLY E 13 0.29 -6.10 6.58
C GLY E 13 -0.02 -7.20 7.57
N GLU E 14 -1.30 -7.51 7.75
CA GLU E 14 -1.76 -8.43 8.76
C GLU E 14 -1.42 -9.89 8.44
N ASP E 15 -1.38 -10.73 9.46
CA ASP E 15 -1.28 -12.18 9.29
C ASP E 15 -2.58 -12.81 9.76
N ILE E 16 -3.25 -13.52 8.87
CA ILE E 16 -4.54 -14.14 9.14
C ILE E 16 -4.39 -15.66 9.12
N ILE E 17 -5.12 -16.35 10.00
CA ILE E 17 -5.11 -17.82 10.01
C ILE E 17 -6.54 -18.34 9.95
N GLY E 18 -6.76 -19.34 9.12
CA GLY E 18 -8.09 -19.89 8.96
C GLY E 18 -8.15 -21.08 8.01
N ASN E 19 -9.36 -21.63 7.86
CA ASN E 19 -9.62 -22.70 6.92
C ASN E 19 -9.84 -22.12 5.51
N ILE E 20 -8.91 -22.43 4.61
CA ILE E 20 -8.82 -21.78 3.30
C ILE E 20 -9.22 -22.73 2.18
N SER E 21 -10.01 -22.24 1.23
CA SER E 21 -10.22 -22.94 -0.03
C SER E 21 -10.11 -21.94 -1.17
N GLU E 22 -9.39 -22.33 -2.22
CA GLU E 22 -9.14 -21.45 -3.38
C GLU E 22 -9.91 -21.91 -4.61
N SER E 23 -11.11 -21.36 -4.81
CA SER E 23 -11.90 -21.61 -6.05
C SER E 23 -11.94 -20.34 -6.89
N GLN E 24 -11.95 -20.50 -8.21
CA GLN E 24 -11.78 -19.36 -9.14
C GLN E 24 -10.46 -18.65 -8.79
N GLY E 25 -10.43 -17.32 -8.89
CA GLY E 25 -9.30 -16.54 -8.38
C GLY E 25 -9.58 -15.91 -7.03
N LEU E 26 -10.38 -16.60 -6.21
CA LEU E 26 -10.81 -16.11 -4.89
C LEU E 26 -10.48 -17.12 -3.81
N ILE E 27 -10.21 -16.60 -2.63
CA ILE E 27 -9.96 -17.42 -1.46
C ILE E 27 -11.15 -17.26 -0.53
N THR E 28 -11.72 -18.39 -0.10
CA THR E 28 -12.78 -18.37 0.88
C THR E 28 -12.20 -18.79 2.23
N ILE E 29 -12.43 -17.98 3.26
CA ILE E 29 -11.85 -18.23 4.58
C ILE E 29 -12.95 -18.47 5.62
N LYS E 30 -12.86 -19.59 6.32
CA LYS E 30 -13.77 -19.92 7.43
C LYS E 30 -12.99 -19.81 8.75
N LYS E 31 -13.65 -19.28 9.78
CA LYS E 31 -13.07 -19.15 11.12
C LYS E 31 -11.70 -18.43 11.07
N ALA E 32 -11.71 -17.18 10.62
CA ALA E 32 -10.48 -16.41 10.40
C ALA E 32 -10.05 -15.64 11.66
N PHE E 33 -8.77 -15.76 12.03
CA PHE E 33 -8.21 -14.99 13.13
C PHE E 33 -6.94 -14.24 12.74
N VAL E 34 -6.78 -13.03 13.28
CA VAL E 34 -5.54 -12.27 13.11
C VAL E 34 -4.54 -12.69 14.18
N ILE E 35 -3.30 -12.88 13.78
CA ILE E 35 -2.22 -13.21 14.70
C ILE E 35 -1.53 -11.93 15.14
N ILE E 36 -1.84 -11.49 16.35
CA ILE E 36 -1.17 -10.34 16.95
C ILE E 36 -0.08 -10.82 17.88
N PRO E 37 1.18 -10.47 17.60
CA PRO E 37 2.29 -10.74 18.53
C PRO E 37 2.49 -9.60 19.52
N VAL E 46 7.91 -14.06 22.98
CA VAL E 46 6.69 -13.31 22.68
C VAL E 46 5.47 -14.24 22.64
N GLN E 47 4.37 -13.76 23.20
CA GLN E 47 3.11 -14.49 23.12
C GLN E 47 2.40 -14.02 21.85
N LEU E 48 1.98 -14.97 21.02
CA LEU E 48 1.10 -14.70 19.88
C LEU E 48 -0.34 -14.78 20.36
N VAL E 49 -1.19 -13.85 19.92
CA VAL E 49 -2.60 -13.83 20.30
C VAL E 49 -3.46 -13.90 19.04
N LEU E 50 -4.40 -14.84 19.03
CA LEU E 50 -5.37 -14.94 17.94
C LEU E 50 -6.62 -14.18 18.34
N SER E 51 -7.04 -13.24 17.48
CA SER E 51 -8.29 -12.54 17.67
C SER E 51 -9.10 -12.58 16.37
N PRO E 52 -10.44 -12.64 16.46
CA PRO E 52 -11.28 -12.71 15.26
C PRO E 52 -10.96 -11.60 14.26
N TRP E 53 -10.82 -11.97 12.99
CA TRP E 53 -10.36 -11.05 11.98
C TRP E 53 -11.36 -9.95 11.67
N GLN E 54 -12.60 -10.33 11.47
CA GLN E 54 -13.64 -9.39 11.11
C GLN E 54 -14.65 -9.42 12.25
N PRO E 55 -14.44 -8.57 13.28
CA PRO E 55 -15.31 -8.56 14.43
C PRO E 55 -16.67 -7.91 14.18
N TYR E 56 -16.79 -7.17 13.09
CA TYR E 56 -18.03 -6.45 12.77
C TYR E 56 -19.06 -7.30 12.02
N THR E 57 -18.83 -8.61 11.89
CA THR E 57 -19.73 -9.45 11.08
C THR E 57 -19.89 -10.84 11.66
N ASP E 58 -21.04 -11.45 11.39
CA ASP E 58 -21.34 -12.81 11.86
C ASP E 58 -21.08 -13.85 10.77
N ASP E 59 -20.66 -13.39 9.60
CA ASP E 59 -20.44 -14.25 8.42
C ASP E 59 -19.46 -15.37 8.72
N LYS E 60 -19.81 -16.59 8.28
CA LYS E 60 -18.98 -17.77 8.53
C LYS E 60 -17.88 -17.86 7.47
N GLU E 61 -18.22 -17.50 6.23
CA GLU E 61 -17.28 -17.49 5.12
C GLU E 61 -16.96 -16.05 4.72
N ILE E 62 -15.69 -15.77 4.42
CA ILE E 62 -15.25 -14.46 3.93
C ILE E 62 -14.41 -14.68 2.69
N VAL E 63 -14.68 -13.89 1.65
CA VAL E 63 -14.02 -14.03 0.37
C VAL E 63 -13.07 -12.85 0.11
N ILE E 64 -11.82 -13.17 -0.24
CA ILE E 64 -10.83 -12.17 -0.67
C ILE E 64 -10.23 -12.57 -2.00
N ASP E 65 -9.95 -11.58 -2.84
CA ASP E 65 -9.24 -11.84 -4.09
C ASP E 65 -7.82 -12.18 -3.72
N ASP E 66 -7.24 -13.12 -4.46
CA ASP E 66 -5.89 -13.58 -4.13
C ASP E 66 -4.84 -12.49 -4.40
N SER E 67 -5.19 -11.48 -5.18
CA SER E 67 -4.31 -10.36 -5.38
C SER E 67 -4.03 -9.57 -4.10
N LYS E 68 -4.88 -9.72 -3.10
CA LYS E 68 -4.70 -9.01 -1.82
C LYS E 68 -3.91 -9.84 -0.79
N VAL E 69 -3.37 -10.99 -1.21
CA VAL E 69 -2.56 -11.83 -0.33
C VAL E 69 -1.13 -11.90 -0.87
N ILE E 70 -0.15 -11.66 0.00
CA ILE E 70 1.25 -11.71 -0.38
C ILE E 70 1.79 -13.14 -0.31
N THR E 71 1.54 -13.85 0.79
CA THR E 71 1.99 -15.25 0.91
C THR E 71 0.94 -16.12 1.61
N ILE E 72 0.85 -17.38 1.17
CA ILE E 72 0.02 -18.37 1.85
C ILE E 72 0.96 -19.48 2.31
N THR E 73 0.90 -19.79 3.59
CA THR E 73 1.95 -20.57 4.22
C THR E 73 1.34 -21.44 5.30
N SER E 74 1.89 -22.64 5.50
CA SER E 74 1.35 -23.58 6.48
C SER E 74 1.99 -23.37 7.87
N PRO E 75 1.16 -23.23 8.90
CA PRO E 75 1.59 -22.81 10.22
C PRO E 75 2.42 -23.86 11.00
N LYS E 76 3.26 -23.38 11.91
CA LYS E 76 3.96 -24.26 12.86
C LYS E 76 2.95 -24.99 13.75
N ASP E 77 3.33 -26.17 14.24
CA ASP E 77 2.40 -27.03 14.97
C ASP E 77 1.74 -26.36 16.17
N ASP E 78 2.52 -25.61 16.96
CA ASP E 78 1.97 -24.95 18.15
C ASP E 78 0.92 -23.88 17.80
N ILE E 79 1.02 -23.29 16.62
CA ILE E 79 0.03 -22.32 16.14
C ILE E 79 -1.27 -23.02 15.73
N ILE E 80 -1.15 -24.18 15.09
CA ILE E 80 -2.32 -24.96 14.72
C ILE E 80 -3.08 -25.42 15.97
N LYS E 81 -2.35 -25.92 16.96
CA LYS E 81 -2.97 -26.42 18.18
C LYS E 81 -3.80 -25.31 18.85
N SER E 82 -3.20 -24.13 18.99
CA SER E 82 -3.90 -22.97 19.55
C SER E 82 -5.10 -22.58 18.70
N TYR E 83 -4.93 -22.57 17.38
CA TYR E 83 -6.04 -22.26 16.46
C TYR E 83 -7.17 -23.27 16.63
N GLU E 84 -6.82 -24.55 16.69
CA GLU E 84 -7.79 -25.62 16.88
C GLU E 84 -8.57 -25.39 18.17
N SER E 85 -7.84 -25.13 19.27
CA SER E 85 -8.45 -24.92 20.58
C SER E 85 -9.33 -23.68 20.63
N HIS E 86 -9.15 -22.76 19.68
CA HIS E 86 -10.13 -21.71 19.40
C HIS E 86 -11.20 -22.27 18.46
#